data_8KE3
#
_entry.id   8KE3
#
_cell.length_a   104.670
_cell.length_b   104.670
_cell.length_c   71.813
_cell.angle_alpha   90.000
_cell.angle_beta   90.000
_cell.angle_gamma   120.000
#
_symmetry.space_group_name_H-M   'P 64'
#
loop_
_entity.id
_entity.type
_entity.pdbx_description
1 polymer 'Pyrrolysine--tRNA ligase'
2 non-polymer 'PHOSPHOAMINOPHOSPHONIC ACID-ADENYLATE ESTER'
3 non-polymer 'MAGNESIUM ION'
4 non-polymer '(2R)-2-azanyl-3-[3-(trifluoromethyl)phenyl]propanoic acid'
5 water water
#
_entity_poly.entity_id   1
_entity_poly.type   'polypeptide(L)'
_entity_poly.pdbx_seq_one_letter_code
;MHHHHHHASAPALTKSQTDRLEVLLNPKDEISLNSGKPFRELESELLSRRKKDLQQIYAEERENYLGKLEREITRFFVDR
GFLEIKSPILIPLEYIERMGIDNDTELSKQIFRVDKNFCLRPMLAPNLYNYLRKLDRALPDPIKIFEIGPCYRKESDGKE
HLEEFTMLGFQQMGSGCTRENLESIITDFLNHLGIDFKIVGDSCMVYGDTLDVMHGDLELSSAGVGPIPLDREWGIDKPW
IGAGFGLERLLKVKHDFKNIKRAARSESYYNGISTNL
;
_entity_poly.pdbx_strand_id   A
#
# COMPACT_ATOMS: atom_id res chain seq x y z
N ALA A 12 -12.65 -29.22 23.76
CA ALA A 12 -11.73 -28.10 23.59
C ALA A 12 -11.05 -28.14 22.21
N LEU A 13 -11.01 -26.99 21.53
CA LEU A 13 -10.38 -26.94 20.20
C LEU A 13 -8.87 -26.95 20.34
N THR A 14 -8.19 -27.66 19.43
CA THR A 14 -6.74 -27.55 19.42
C THR A 14 -6.33 -26.20 18.85
N LYS A 15 -5.05 -25.87 19.04
CA LYS A 15 -4.49 -24.64 18.51
C LYS A 15 -4.54 -24.73 16.99
N SER A 16 -4.20 -25.90 16.43
CA SER A 16 -4.27 -26.09 14.98
C SER A 16 -5.69 -25.92 14.46
N GLN A 17 -6.67 -26.41 15.21
CA GLN A 17 -8.06 -26.23 14.79
C GLN A 17 -8.48 -24.77 14.87
N THR A 18 -8.05 -24.06 15.91
CA THR A 18 -8.38 -22.65 16.00
C THR A 18 -7.70 -21.86 14.88
N ASP A 19 -6.46 -22.21 14.50
CA ASP A 19 -5.84 -21.56 13.36
C ASP A 19 -6.68 -21.75 12.09
N ARG A 20 -7.20 -22.96 11.89
CA ARG A 20 -8.02 -23.24 10.72
C ARG A 20 -9.30 -22.41 10.73
N LEU A 21 -9.96 -22.33 11.89
CA LEU A 21 -11.19 -21.54 11.97
C LEU A 21 -10.90 -20.04 11.76
N GLU A 22 -9.75 -19.55 12.24
CA GLU A 22 -9.45 -18.15 12.06
C GLU A 22 -9.15 -17.82 10.60
N VAL A 23 -8.67 -18.78 9.81
CA VAL A 23 -8.55 -18.57 8.37
C VAL A 23 -9.93 -18.31 7.76
N LEU A 24 -10.96 -19.00 8.26
CA LEU A 24 -12.32 -18.89 7.72
C LEU A 24 -13.14 -17.78 8.36
N LEU A 25 -12.63 -17.17 9.42
CA LEU A 25 -13.36 -16.14 10.14
C LEU A 25 -13.22 -14.79 9.44
N ASN A 26 -14.34 -14.10 9.24
CA ASN A 26 -14.19 -12.76 8.69
C ASN A 26 -14.50 -11.73 9.78
N PRO A 27 -13.97 -10.50 9.68
CA PRO A 27 -14.07 -9.57 10.81
C PRO A 27 -15.48 -9.32 11.31
N LYS A 28 -16.47 -9.32 10.43
CA LYS A 28 -17.85 -9.04 10.82
C LYS A 28 -18.65 -10.28 11.23
N ASP A 29 -18.02 -11.46 11.29
CA ASP A 29 -18.69 -12.62 11.85
C ASP A 29 -18.93 -12.40 13.34
N GLU A 30 -20.05 -12.91 13.85
CA GLU A 30 -20.39 -12.82 15.26
C GLU A 30 -20.36 -14.20 15.93
N ILE A 31 -19.47 -15.06 15.46
CA ILE A 31 -19.27 -16.40 16.01
C ILE A 31 -18.10 -16.36 16.99
N SER A 32 -18.19 -17.20 18.02
CA SER A 32 -17.16 -17.31 19.03
C SER A 32 -16.61 -18.74 18.98
N LEU A 33 -15.29 -18.86 18.92
CA LEU A 33 -14.62 -20.16 18.84
C LEU A 33 -14.37 -20.78 20.21
N ASN A 34 -14.70 -20.08 21.29
CA ASN A 34 -14.67 -20.64 22.63
C ASN A 34 -16.01 -21.23 23.05
N SER A 35 -16.89 -21.51 22.09
CA SER A 35 -18.18 -22.12 22.40
C SER A 35 -17.98 -23.56 22.87
N GLY A 36 -19.10 -24.23 23.12
CA GLY A 36 -19.09 -25.66 23.35
C GLY A 36 -19.36 -26.48 22.12
N LYS A 37 -19.30 -25.87 20.94
CA LYS A 37 -19.59 -26.50 19.66
C LYS A 37 -18.34 -27.20 19.13
N PRO A 38 -18.50 -28.38 18.52
CA PRO A 38 -17.33 -29.10 18.01
C PRO A 38 -16.70 -28.36 16.83
N PHE A 39 -15.42 -28.66 16.61
CA PHE A 39 -14.67 -28.08 15.49
C PHE A 39 -15.39 -28.32 14.16
N ARG A 40 -15.79 -29.56 13.90
CA ARG A 40 -16.34 -29.91 12.59
C ARG A 40 -17.57 -29.08 12.26
N GLU A 41 -18.36 -28.74 13.26
CA GLU A 41 -19.57 -27.98 13.03
C GLU A 41 -19.31 -26.49 12.95
N LEU A 42 -18.33 -25.98 13.71
CA LEU A 42 -17.90 -24.59 13.52
C LEU A 42 -17.24 -24.41 12.14
N GLU A 43 -16.47 -25.40 11.72
CA GLU A 43 -15.84 -25.33 10.40
C GLU A 43 -16.89 -25.38 9.30
N SER A 44 -17.87 -26.27 9.44
CA SER A 44 -18.89 -26.38 8.40
C SER A 44 -19.73 -25.12 8.32
N GLU A 45 -20.00 -24.49 9.46
CA GLU A 45 -20.74 -23.23 9.46
C GLU A 45 -19.97 -22.14 8.72
N LEU A 46 -18.68 -21.99 9.06
CA LEU A 46 -17.89 -20.94 8.46
C LEU A 46 -17.66 -21.19 6.97
N LEU A 47 -17.41 -22.45 6.58
CA LEU A 47 -17.28 -22.78 5.16
C LEU A 47 -18.51 -22.36 4.38
N SER A 48 -19.71 -22.62 4.92
CA SER A 48 -20.94 -22.22 4.25
CA SER A 48 -20.94 -22.22 4.25
C SER A 48 -21.02 -20.70 4.10
N ARG A 49 -20.63 -19.96 5.14
CA ARG A 49 -20.68 -18.50 5.04
C ARG A 49 -19.71 -17.97 3.99
N ARG A 50 -18.49 -18.50 3.95
CA ARG A 50 -17.47 -17.98 3.03
C ARG A 50 -17.77 -18.36 1.58
N LYS A 51 -18.34 -19.54 1.33
CA LYS A 51 -18.80 -19.85 -0.01
C LYS A 51 -19.90 -18.89 -0.44
N LYS A 52 -20.80 -18.57 0.49
CA LYS A 52 -21.88 -17.64 0.22
C LYS A 52 -21.31 -16.26 -0.11
N ASP A 53 -20.31 -15.84 0.65
CA ASP A 53 -19.67 -14.55 0.40
C ASP A 53 -19.08 -14.51 -1.01
N LEU A 54 -18.37 -15.56 -1.41
CA LEU A 54 -17.80 -15.58 -2.76
C LEU A 54 -18.88 -15.62 -3.82
N GLN A 55 -19.96 -16.38 -3.58
CA GLN A 55 -21.05 -16.41 -4.56
C GLN A 55 -21.68 -15.03 -4.76
N GLN A 56 -21.81 -14.25 -3.69
CA GLN A 56 -22.40 -12.92 -3.80
C GLN A 56 -21.49 -11.95 -4.57
N ILE A 57 -20.18 -12.02 -4.32
CA ILE A 57 -19.23 -11.24 -5.13
C ILE A 57 -19.36 -11.60 -6.61
N TYR A 58 -19.38 -12.91 -6.90
CA TYR A 58 -19.42 -13.37 -8.28
C TYR A 58 -20.71 -12.95 -8.96
N ALA A 59 -21.83 -12.98 -8.23
CA ALA A 59 -23.13 -12.64 -8.80
C ALA A 59 -23.31 -11.15 -9.03
N GLU A 60 -22.67 -10.30 -8.23
CA GLU A 60 -22.95 -8.86 -8.23
C GLU A 60 -21.76 -8.03 -8.72
N GLU A 61 -20.75 -7.79 -7.89
CA GLU A 61 -19.76 -6.78 -8.27
C GLU A 61 -18.60 -7.32 -9.10
N ARG A 62 -18.00 -8.43 -8.66
CA ARG A 62 -16.93 -9.14 -9.36
C ARG A 62 -15.61 -8.39 -9.39
N GLU A 63 -15.44 -7.34 -8.59
CA GLU A 63 -14.20 -6.57 -8.58
C GLU A 63 -13.30 -6.96 -7.42
N ASN A 64 -12.01 -7.02 -7.70
CA ASN A 64 -10.99 -7.30 -6.70
C ASN A 64 -10.75 -6.05 -5.85
N TYR A 65 -10.67 -6.23 -4.54
CA TYR A 65 -10.43 -5.11 -3.62
C TYR A 65 -9.21 -4.27 -4.03
N LEU A 66 -8.08 -4.94 -4.32
CA LEU A 66 -6.86 -4.21 -4.65
C LEU A 66 -6.98 -3.47 -5.97
N GLY A 67 -7.59 -4.11 -6.98
CA GLY A 67 -7.84 -3.42 -8.25
C GLY A 67 -8.77 -2.24 -8.09
N LYS A 68 -9.87 -2.43 -7.36
CA LYS A 68 -10.87 -1.38 -7.18
C LYS A 68 -10.30 -0.21 -6.39
N LEU A 69 -9.50 -0.50 -5.36
CA LEU A 69 -8.87 0.59 -4.61
C LEU A 69 -7.92 1.39 -5.50
N GLU A 70 -7.13 0.71 -6.32
CA GLU A 70 -6.24 1.42 -7.24
C GLU A 70 -7.04 2.32 -8.18
N ARG A 71 -8.17 1.83 -8.69
CA ARG A 71 -9.00 2.64 -9.59
C ARG A 71 -9.62 3.83 -8.85
N GLU A 72 -10.08 3.62 -7.61
CA GLU A 72 -10.64 4.71 -6.81
C GLU A 72 -9.58 5.77 -6.48
N ILE A 73 -8.36 5.35 -6.12
CA ILE A 73 -7.29 6.32 -5.85
C ILE A 73 -6.91 7.07 -7.11
N THR A 74 -6.84 6.36 -8.25
CA THR A 74 -6.50 6.98 -9.53
C THR A 74 -7.48 8.11 -9.87
N ARG A 75 -8.78 7.86 -9.68
CA ARG A 75 -9.79 8.89 -9.94
C ARG A 75 -9.59 10.08 -9.04
N PHE A 76 -9.30 9.84 -7.75
CA PHE A 76 -9.09 10.94 -6.81
C PHE A 76 -7.95 11.85 -7.28
N PHE A 77 -6.82 11.26 -7.62
CA PHE A 77 -5.65 12.07 -7.93
C PHE A 77 -5.74 12.71 -9.32
N VAL A 78 -6.26 11.97 -10.31
CA VAL A 78 -6.48 12.56 -11.63
C VAL A 78 -7.40 13.77 -11.50
N ASP A 79 -8.47 13.63 -10.72
CA ASP A 79 -9.43 14.73 -10.55
C ASP A 79 -8.81 15.91 -9.84
N ARG A 80 -7.78 15.70 -9.02
CA ARG A 80 -7.09 16.79 -8.33
C ARG A 80 -5.96 17.39 -9.16
N GLY A 81 -5.80 16.97 -10.42
CA GLY A 81 -4.81 17.55 -11.30
C GLY A 81 -3.47 16.85 -11.35
N PHE A 82 -3.38 15.60 -10.89
CA PHE A 82 -2.14 14.84 -10.91
C PHE A 82 -2.12 13.92 -12.13
N LEU A 83 -0.96 13.89 -12.81
CA LEU A 83 -0.75 13.05 -14.00
C LEU A 83 -0.48 11.61 -13.59
N GLU A 84 -1.19 10.65 -14.19
CA GLU A 84 -1.03 9.24 -13.87
C GLU A 84 0.19 8.65 -14.57
N ILE A 85 1.13 8.12 -13.79
CA ILE A 85 2.39 7.56 -14.28
C ILE A 85 2.34 6.04 -14.14
N LYS A 86 2.88 5.34 -15.14
CA LYS A 86 3.13 3.90 -15.05
C LYS A 86 4.58 3.67 -15.48
N SER A 87 5.46 3.40 -14.52
CA SER A 87 6.90 3.36 -14.76
C SER A 87 7.43 1.95 -14.44
N PRO A 88 8.69 1.63 -14.74
CA PRO A 88 9.14 0.25 -14.59
C PRO A 88 9.14 -0.22 -13.15
N ILE A 89 8.77 -1.49 -12.97
CA ILE A 89 8.88 -2.17 -11.69
C ILE A 89 10.27 -2.74 -11.51
N LEU A 90 10.83 -3.30 -12.58
CA LEU A 90 12.20 -3.79 -12.62
C LEU A 90 13.10 -2.60 -12.98
N ILE A 91 13.92 -2.15 -12.05
CA ILE A 91 14.65 -0.88 -12.19
C ILE A 91 16.14 -1.15 -12.06
N PRO A 92 16.97 -0.25 -12.59
CA PRO A 92 18.43 -0.36 -12.40
C PRO A 92 18.83 -0.38 -10.93
N LEU A 93 19.73 -1.31 -10.60
CA LEU A 93 20.24 -1.39 -9.23
C LEU A 93 20.90 -0.08 -8.80
N GLU A 94 21.47 0.66 -9.75
CA GLU A 94 22.10 1.94 -9.45
C GLU A 94 21.13 2.92 -8.80
N TYR A 95 19.83 2.79 -9.09
CA TYR A 95 18.87 3.73 -8.50
C TYR A 95 18.85 3.63 -6.98
N ILE A 96 19.12 2.44 -6.44
CA ILE A 96 19.07 2.24 -4.99
C ILE A 96 20.16 3.03 -4.29
N GLU A 97 21.41 2.91 -4.77
CA GLU A 97 22.49 3.70 -4.20
C GLU A 97 22.24 5.20 -4.39
N ARG A 98 21.75 5.59 -5.57
CA ARG A 98 21.53 7.01 -5.83
C ARG A 98 20.43 7.59 -4.96
N MET A 99 19.58 6.75 -4.36
CA MET A 99 18.61 7.20 -3.38
C MET A 99 19.24 7.37 -2.00
N GLY A 100 20.54 7.16 -1.87
CA GLY A 100 21.18 7.24 -0.57
C GLY A 100 21.00 6.02 0.28
N ILE A 101 20.64 4.92 -0.35
CA ILE A 101 20.41 3.71 0.35
C ILE A 101 21.70 2.94 0.38
N ASP A 102 22.49 3.22 1.37
CA ASP A 102 23.75 2.55 1.54
C ASP A 102 23.63 1.43 2.57
N ASN A 103 24.76 0.83 2.84
CA ASN A 103 24.82 -0.28 3.71
C ASN A 103 24.35 0.01 5.15
N ASP A 104 24.37 1.26 5.59
CA ASP A 104 23.91 1.61 6.94
C ASP A 104 22.40 1.76 7.06
N THR A 105 21.66 1.53 5.98
CA THR A 105 20.21 1.64 6.01
C THR A 105 19.60 0.24 6.09
N GLU A 106 18.47 0.12 6.73
CA GLU A 106 17.81 -1.17 6.81
C GLU A 106 17.48 -1.69 5.38
N LEU A 107 17.11 -0.74 4.56
CA LEU A 107 16.52 -0.99 3.25
C LEU A 107 17.54 -1.61 2.30
N SER A 108 18.83 -1.31 2.48
CA SER A 108 19.86 -1.92 1.66
C SER A 108 19.83 -3.44 1.73
N LYS A 109 19.42 -4.00 2.86
CA LYS A 109 19.35 -5.44 3.04
C LYS A 109 18.02 -6.03 2.58
N GLN A 110 17.08 -5.19 2.13
CA GLN A 110 15.75 -5.66 1.79
C GLN A 110 15.52 -5.79 0.29
N ILE A 111 16.53 -5.55 -0.54
CA ILE A 111 16.36 -5.44 -1.99
C ILE A 111 16.29 -6.84 -2.59
N PHE A 112 15.30 -7.06 -3.46
CA PHE A 112 15.26 -8.25 -4.32
C PHE A 112 16.06 -7.94 -5.58
N ARG A 113 17.26 -8.51 -5.68
CA ARG A 113 18.08 -8.29 -6.87
C ARG A 113 17.66 -9.24 -7.99
N VAL A 114 17.75 -8.74 -9.22
CA VAL A 114 17.44 -9.52 -10.42
C VAL A 114 18.65 -9.41 -11.36
N ASP A 115 19.17 -10.55 -11.78
CA ASP A 115 20.37 -10.61 -12.63
C ASP A 115 21.55 -9.86 -11.98
N LYS A 116 22.32 -9.12 -12.76
CA LYS A 116 23.47 -8.41 -12.18
C LYS A 116 23.26 -6.92 -11.89
N ASN A 117 22.58 -6.22 -12.79
CA ASN A 117 22.36 -4.79 -12.66
C ASN A 117 20.94 -4.30 -12.39
N PHE A 118 20.05 -5.20 -12.01
CA PHE A 118 18.66 -4.83 -11.79
C PHE A 118 18.07 -5.29 -10.46
N CYS A 119 16.93 -4.73 -10.10
CA CYS A 119 16.25 -5.13 -8.88
C CYS A 119 14.78 -4.83 -9.04
N LEU A 120 13.97 -5.46 -8.18
CA LEU A 120 12.58 -5.08 -8.04
C LEU A 120 12.53 -3.82 -7.19
N ARG A 121 11.80 -2.80 -7.66
CA ARG A 121 11.79 -1.53 -6.96
C ARG A 121 11.20 -1.70 -5.56
N PRO A 122 11.84 -1.18 -4.53
CA PRO A 122 11.24 -1.19 -3.19
C PRO A 122 10.45 0.06 -2.87
N MET A 123 10.42 1.03 -3.78
CA MET A 123 9.82 2.34 -3.57
C MET A 123 9.59 2.96 -4.94
N LEU A 124 8.78 4.03 -4.96
CA LEU A 124 8.50 4.72 -6.22
C LEU A 124 9.36 5.96 -6.43
N ALA A 125 10.03 6.45 -5.38
CA ALA A 125 10.75 7.72 -5.46
C ALA A 125 11.73 7.86 -6.62
N PRO A 126 12.58 6.88 -6.96
CA PRO A 126 13.51 7.10 -8.08
C PRO A 126 12.79 7.44 -9.39
N ASN A 127 11.75 6.67 -9.72
CA ASN A 127 11.02 6.89 -10.97
C ASN A 127 10.26 8.21 -10.93
N LEU A 128 9.71 8.58 -9.77
CA LEU A 128 8.99 9.86 -9.70
C LEU A 128 9.94 11.04 -9.82
N TYR A 129 11.11 10.96 -9.20
CA TYR A 129 12.15 11.97 -9.42
C TYR A 129 12.46 12.14 -10.90
N ASN A 130 12.68 11.02 -11.61
CA ASN A 130 13.03 11.09 -13.04
C ASN A 130 11.91 11.72 -13.85
N TYR A 131 10.66 11.40 -13.51
CA TYR A 131 9.55 12.00 -14.24
C TYR A 131 9.42 13.49 -13.95
N LEU A 132 9.63 13.88 -12.69
CA LEU A 132 9.57 15.31 -12.36
C LEU A 132 10.61 16.09 -13.16
N ARG A 133 11.84 15.57 -13.20
CA ARG A 133 12.91 16.25 -13.94
C ARG A 133 12.57 16.37 -15.42
N LYS A 134 12.08 15.29 -16.01
CA LYS A 134 11.80 15.33 -17.45
C LYS A 134 10.58 16.20 -17.75
N LEU A 135 9.50 16.07 -16.97
CA LEU A 135 8.29 16.81 -17.28
C LEU A 135 8.43 18.30 -17.02
N ASP A 136 9.39 18.71 -16.19
CA ASP A 136 9.63 20.14 -15.96
C ASP A 136 10.06 20.86 -17.22
N ARG A 137 10.55 20.13 -18.22
CA ARG A 137 10.86 20.75 -19.51
C ARG A 137 9.63 21.02 -20.35
N ALA A 138 8.45 20.51 -19.97
CA ALA A 138 7.29 20.56 -20.84
C ALA A 138 6.02 21.10 -20.17
N LEU A 139 5.87 20.85 -18.90
CA LEU A 139 4.61 21.15 -18.26
C LEU A 139 4.68 22.44 -17.44
N PRO A 140 3.58 23.17 -17.36
CA PRO A 140 3.55 24.38 -16.53
C PRO A 140 3.62 24.08 -15.04
N ASP A 141 4.19 25.04 -14.32
CA ASP A 141 4.32 24.93 -12.87
C ASP A 141 2.95 25.12 -12.21
N PRO A 142 2.61 24.29 -11.20
CA PRO A 142 3.40 23.20 -10.65
C PRO A 142 3.13 21.85 -11.32
N ILE A 143 4.08 20.95 -11.16
CA ILE A 143 4.05 19.63 -11.77
C ILE A 143 3.52 18.66 -10.72
N LYS A 144 2.42 17.97 -11.05
CA LYS A 144 1.77 17.07 -10.10
C LYS A 144 1.65 15.71 -10.75
N ILE A 145 2.23 14.68 -10.12
CA ILE A 145 2.23 13.34 -10.69
C ILE A 145 1.97 12.32 -9.59
N PHE A 146 1.52 11.13 -9.98
CA PHE A 146 1.35 10.05 -9.03
C PHE A 146 1.49 8.73 -9.78
N GLU A 147 1.84 7.69 -9.03
CA GLU A 147 1.90 6.33 -9.57
C GLU A 147 1.36 5.38 -8.53
N ILE A 148 0.72 4.31 -8.99
CA ILE A 148 0.31 3.20 -8.15
C ILE A 148 0.83 1.92 -8.78
N GLY A 149 1.47 1.06 -7.99
CA GLY A 149 1.92 -0.21 -8.53
C GLY A 149 2.76 -1.04 -7.58
N PRO A 150 3.14 -2.24 -8.03
CA PRO A 150 3.88 -3.18 -7.18
C PRO A 150 5.23 -2.62 -6.72
N CYS A 151 5.57 -2.94 -5.46
CA CYS A 151 6.87 -2.69 -4.88
C CYS A 151 7.24 -3.91 -4.05
N TYR A 152 8.55 -4.11 -3.84
CA TYR A 152 9.06 -5.36 -3.27
C TYR A 152 10.12 -5.09 -2.22
N ARG A 153 9.99 -5.74 -1.05
CA ARG A 153 10.98 -5.65 0.02
C ARG A 153 11.04 -6.99 0.75
N LYS A 154 12.25 -7.46 1.02
CA LYS A 154 12.39 -8.58 1.94
C LYS A 154 12.05 -8.12 3.35
N GLU A 155 11.16 -8.86 4.03
CA GLU A 155 10.68 -8.49 5.35
C GLU A 155 10.66 -9.71 6.25
N SER A 156 10.81 -9.47 7.55
CA SER A 156 10.50 -10.49 8.54
C SER A 156 8.99 -10.76 8.55
N ASP A 157 8.62 -11.96 8.97
CA ASP A 157 7.21 -12.26 9.08
C ASP A 157 6.56 -11.33 10.09
N GLY A 158 5.37 -10.85 9.76
CA GLY A 158 4.69 -9.87 10.57
C GLY A 158 3.32 -9.53 10.00
N LYS A 159 2.37 -9.20 10.86
CA LYS A 159 1.00 -8.94 10.46
C LYS A 159 0.83 -7.66 9.65
N GLU A 160 1.86 -6.81 9.59
CA GLU A 160 1.74 -5.52 8.90
C GLU A 160 2.59 -5.43 7.63
N HIS A 161 3.34 -6.47 7.27
CA HIS A 161 4.29 -6.37 6.17
C HIS A 161 4.05 -7.48 5.16
N LEU A 162 4.17 -7.12 3.88
CA LEU A 162 4.22 -8.09 2.78
C LEU A 162 5.54 -7.94 2.06
N GLU A 163 6.01 -9.03 1.46
CA GLU A 163 7.18 -8.87 0.60
C GLU A 163 6.80 -8.31 -0.75
N GLU A 164 5.58 -8.57 -1.21
CA GLU A 164 5.03 -8.03 -2.44
C GLU A 164 3.84 -7.15 -2.07
N PHE A 165 3.99 -5.82 -2.21
CA PHE A 165 2.89 -4.92 -1.88
C PHE A 165 2.68 -3.91 -3.00
N THR A 166 1.78 -2.97 -2.77
CA THR A 166 1.36 -1.99 -3.76
C THR A 166 1.45 -0.63 -3.10
N MET A 167 2.18 0.27 -3.75
N MET A 167 2.19 0.28 -3.72
CA MET A 167 2.41 1.61 -3.25
CA MET A 167 2.40 1.60 -3.16
C MET A 167 1.64 2.61 -4.09
C MET A 167 1.76 2.66 -4.06
N LEU A 168 1.09 3.62 -3.42
CA LEU A 168 0.72 4.87 -4.05
C LEU A 168 1.83 5.86 -3.73
N GLY A 169 2.38 6.51 -4.74
CA GLY A 169 3.24 7.64 -4.45
C GLY A 169 2.78 8.86 -5.22
N PHE A 170 2.71 10.02 -4.58
CA PHE A 170 2.41 11.24 -5.32
C PHE A 170 3.45 12.32 -4.99
N GLN A 171 3.67 13.22 -5.94
CA GLN A 171 4.64 14.29 -5.74
C GLN A 171 4.21 15.51 -6.51
N GLN A 172 4.35 16.67 -5.88
CA GLN A 172 4.13 17.96 -6.52
C GLN A 172 5.42 18.77 -6.46
N MET A 173 5.76 19.45 -7.55
CA MET A 173 7.02 20.19 -7.62
C MET A 173 6.79 21.59 -8.18
N GLY A 174 7.36 22.59 -7.52
CA GLY A 174 7.26 23.96 -7.96
C GLY A 174 6.54 24.80 -6.94
N SER A 175 5.52 25.53 -7.37
CA SER A 175 4.81 26.40 -6.44
C SER A 175 3.80 25.60 -5.62
N GLY A 176 3.43 26.17 -4.47
CA GLY A 176 2.43 25.55 -3.63
C GLY A 176 2.90 24.35 -2.83
N CYS A 177 4.21 24.15 -2.70
CA CYS A 177 4.74 22.97 -2.03
C CYS A 177 4.99 23.28 -0.55
N THR A 178 3.90 23.45 0.18
CA THR A 178 3.95 23.73 1.60
C THR A 178 3.50 22.52 2.39
N ARG A 179 3.95 22.47 3.65
CA ARG A 179 3.47 21.41 4.52
C ARG A 179 1.96 21.48 4.69
N GLU A 180 1.40 22.69 4.77
CA GLU A 180 -0.05 22.83 4.84
C GLU A 180 -0.73 22.18 3.63
N ASN A 181 -0.21 22.42 2.43
CA ASN A 181 -0.85 21.85 1.26
C ASN A 181 -0.71 20.33 1.25
N LEU A 182 0.45 19.84 1.69
CA LEU A 182 0.64 18.39 1.78
C LEU A 182 -0.35 17.77 2.76
N GLU A 183 -0.51 18.36 3.94
CA GLU A 183 -1.46 17.82 4.90
C GLU A 183 -2.90 17.89 4.38
N SER A 184 -3.21 18.92 3.59
CA SER A 184 -4.55 19.03 3.02
C SER A 184 -4.82 17.90 2.03
N ILE A 185 -3.81 17.54 1.22
CA ILE A 185 -4.00 16.43 0.27
C ILE A 185 -4.23 15.13 1.02
N ILE A 186 -3.36 14.84 1.98
CA ILE A 186 -3.48 13.63 2.78
C ILE A 186 -4.84 13.56 3.48
N THR A 187 -5.27 14.69 4.04
CA THR A 187 -6.50 14.70 4.82
C THR A 187 -7.71 14.48 3.93
N ASP A 188 -7.80 15.22 2.82
CA ASP A 188 -8.89 14.99 1.87
C ASP A 188 -8.88 13.56 1.35
N PHE A 189 -7.69 13.04 1.03
CA PHE A 189 -7.57 11.68 0.49
C PHE A 189 -8.13 10.64 1.45
N LEU A 190 -7.69 10.66 2.70
CA LEU A 190 -8.09 9.63 3.65
C LEU A 190 -9.54 9.82 4.09
N ASN A 191 -10.03 11.06 4.16
CA ASN A 191 -11.45 11.27 4.45
C ASN A 191 -12.32 10.81 3.30
N HIS A 192 -11.81 10.93 2.06
CA HIS A 192 -12.51 10.40 0.90
C HIS A 192 -12.62 8.88 0.98
N LEU A 193 -11.52 8.20 1.34
CA LEU A 193 -11.53 6.74 1.45
C LEU A 193 -12.23 6.22 2.70
N GLY A 194 -12.44 7.08 3.71
CA GLY A 194 -13.07 6.65 4.94
C GLY A 194 -12.13 5.91 5.88
N ILE A 195 -10.92 6.44 6.04
CA ILE A 195 -9.87 5.80 6.83
C ILE A 195 -9.41 6.77 7.90
N ASP A 196 -9.54 6.35 9.16
CA ASP A 196 -9.13 7.23 10.26
C ASP A 196 -7.61 7.32 10.34
N PHE A 197 -7.10 8.49 10.72
CA PHE A 197 -5.66 8.69 10.70
C PHE A 197 -5.28 9.80 11.66
N LYS A 198 -3.98 9.85 11.98
CA LYS A 198 -3.37 11.03 12.59
C LYS A 198 -2.05 11.30 11.88
N ILE A 199 -1.79 12.58 11.63
CA ILE A 199 -0.52 13.02 11.06
C ILE A 199 0.41 13.38 12.21
N VAL A 200 1.59 12.77 12.23
CA VAL A 200 2.58 13.03 13.28
C VAL A 200 3.86 13.55 12.63
N GLY A 201 4.42 14.60 13.20
CA GLY A 201 5.66 15.18 12.73
C GLY A 201 6.51 15.77 13.85
N ASP A 209 11.90 18.28 6.28
CA ASP A 209 10.60 18.17 6.93
C ASP A 209 9.93 16.85 6.59
N THR A 210 9.82 15.98 7.59
CA THR A 210 9.20 14.68 7.41
C THR A 210 7.96 14.51 8.28
N LEU A 211 7.05 13.66 7.80
CA LEU A 211 5.79 13.44 8.50
C LEU A 211 5.27 12.03 8.26
N ASP A 212 4.71 11.42 9.30
CA ASP A 212 4.12 10.09 9.17
C ASP A 212 2.62 10.16 9.39
N VAL A 213 1.89 9.37 8.62
CA VAL A 213 0.45 9.25 8.73
C VAL A 213 0.18 7.92 9.39
N MET A 214 -0.40 7.96 10.61
CA MET A 214 -0.55 6.78 11.44
C MET A 214 -2.02 6.41 11.60
N HIS A 215 -2.27 5.11 11.66
CA HIS A 215 -3.53 4.56 12.16
C HIS A 215 -3.15 3.77 13.41
N GLY A 216 -3.34 4.37 14.59
CA GLY A 216 -2.83 3.73 15.79
C GLY A 216 -1.33 3.55 15.66
N ASP A 217 -0.86 2.31 15.83
CA ASP A 217 0.57 2.04 15.72
C ASP A 217 1.00 1.67 14.30
N LEU A 218 0.06 1.64 13.35
CA LEU A 218 0.34 1.25 11.98
C LEU A 218 0.69 2.46 11.13
N GLU A 219 1.82 2.41 10.44
CA GLU A 219 2.18 3.49 9.54
C GLU A 219 1.49 3.30 8.19
N LEU A 220 0.61 4.24 7.83
CA LEU A 220 -0.04 4.23 6.52
C LEU A 220 0.81 4.90 5.45
N SER A 221 1.56 5.92 5.84
CA SER A 221 2.33 6.70 4.88
C SER A 221 3.50 7.37 5.57
N SER A 222 4.59 7.55 4.82
CA SER A 222 5.57 8.58 5.13
C SER A 222 5.51 9.67 4.05
N ALA A 223 5.57 10.92 4.48
CA ALA A 223 5.45 12.06 3.59
C ALA A 223 6.66 12.97 3.80
N GLY A 224 6.92 13.83 2.82
CA GLY A 224 8.08 14.70 2.89
C GLY A 224 7.89 16.01 2.18
N VAL A 225 8.72 16.99 2.57
CA VAL A 225 8.74 18.33 1.99
C VAL A 225 10.17 18.61 1.56
N GLY A 226 10.36 18.93 0.29
CA GLY A 226 11.64 19.34 -0.23
C GLY A 226 11.74 20.85 -0.33
N PRO A 227 12.91 21.37 -0.68
CA PRO A 227 14.09 20.62 -1.13
C PRO A 227 14.85 19.94 -0.02
N ILE A 228 15.54 18.86 -0.40
CA ILE A 228 16.48 18.15 0.46
C ILE A 228 17.75 17.93 -0.34
N PRO A 229 18.89 17.71 0.34
CA PRO A 229 20.15 17.51 -0.38
C PRO A 229 20.11 16.41 -1.45
N LEU A 230 19.35 15.34 -1.23
CA LEU A 230 19.29 14.24 -2.20
C LEU A 230 18.82 14.70 -3.59
N ASP A 231 18.00 15.74 -3.64
CA ASP A 231 17.40 16.16 -4.91
C ASP A 231 18.44 16.39 -5.99
N ARG A 232 19.60 16.92 -5.62
CA ARG A 232 20.59 17.27 -6.62
C ARG A 232 21.05 16.08 -7.44
N GLU A 233 21.21 14.93 -6.78
CA GLU A 233 21.63 13.72 -7.51
C GLU A 233 20.65 13.36 -8.63
N TRP A 234 19.39 13.77 -8.50
CA TRP A 234 18.36 13.45 -9.48
C TRP A 234 18.06 14.60 -10.41
N GLY A 235 18.86 15.66 -10.37
CA GLY A 235 18.63 16.79 -11.26
C GLY A 235 17.45 17.63 -10.86
N ILE A 236 17.07 17.60 -9.60
CA ILE A 236 15.91 18.33 -9.09
C ILE A 236 16.43 19.52 -8.28
N ASP A 237 15.89 20.72 -8.54
CA ASP A 237 16.30 21.88 -7.75
C ASP A 237 15.13 22.81 -7.43
N LYS A 238 13.94 22.28 -7.29
CA LYS A 238 12.74 23.03 -6.96
C LYS A 238 12.13 22.43 -5.69
N PRO A 239 11.34 23.21 -4.96
CA PRO A 239 10.65 22.64 -3.80
C PRO A 239 9.68 21.55 -4.25
N TRP A 240 9.30 20.71 -3.30
CA TRP A 240 8.36 19.65 -3.63
C TRP A 240 7.70 19.14 -2.35
N ILE A 241 6.56 18.47 -2.52
CA ILE A 241 5.89 17.75 -1.44
C ILE A 241 5.50 16.39 -2.01
N GLY A 242 5.44 15.38 -1.15
CA GLY A 242 4.97 14.11 -1.66
C GLY A 242 4.81 13.10 -0.55
N ALA A 243 4.28 11.94 -0.90
CA ALA A 243 3.99 10.93 0.10
C ALA A 243 3.88 9.57 -0.58
N GLY A 244 4.08 8.53 0.21
CA GLY A 244 3.84 7.17 -0.24
C GLY A 244 2.97 6.38 0.70
N PHE A 245 1.97 5.67 0.17
CA PHE A 245 0.97 4.95 0.93
C PHE A 245 0.95 3.49 0.51
N GLY A 246 0.87 2.56 1.45
CA GLY A 246 0.66 1.16 1.10
C GLY A 246 -0.81 0.82 0.91
N LEU A 247 -1.21 0.34 -0.27
CA LEU A 247 -2.62 0.05 -0.51
C LEU A 247 -3.12 -1.09 0.38
N GLU A 248 -2.31 -2.12 0.58
CA GLU A 248 -2.78 -3.23 1.41
C GLU A 248 -2.96 -2.80 2.87
N ARG A 249 -2.12 -1.88 3.37
CA ARG A 249 -2.37 -1.35 4.71
C ARG A 249 -3.68 -0.56 4.76
N LEU A 250 -3.97 0.22 3.72
CA LEU A 250 -5.27 0.91 3.68
C LEU A 250 -6.42 -0.08 3.70
N LEU A 251 -6.32 -1.16 2.91
CA LEU A 251 -7.37 -2.17 2.90
C LEU A 251 -7.47 -2.87 4.25
N LYS A 252 -6.32 -3.19 4.86
CA LYS A 252 -6.32 -3.81 6.18
C LYS A 252 -7.11 -2.99 7.19
N VAL A 253 -6.91 -1.67 7.17
CA VAL A 253 -7.60 -0.81 8.13
C VAL A 253 -9.07 -0.71 7.78
N LYS A 254 -9.38 -0.49 6.49
CA LYS A 254 -10.75 -0.28 6.05
C LYS A 254 -11.64 -1.48 6.37
N HIS A 255 -11.10 -2.69 6.18
CA HIS A 255 -11.88 -3.91 6.35
C HIS A 255 -11.60 -4.61 7.67
N ASP A 256 -10.79 -4.01 8.53
CA ASP A 256 -10.49 -4.54 9.87
C ASP A 256 -9.88 -5.95 9.81
N PHE A 257 -9.03 -6.20 8.81
CA PHE A 257 -8.33 -7.48 8.73
C PHE A 257 -7.30 -7.58 9.85
N LYS A 258 -7.18 -8.78 10.44
CA LYS A 258 -6.19 -8.97 11.49
C LYS A 258 -4.78 -9.13 10.95
N ASN A 259 -4.62 -9.56 9.70
CA ASN A 259 -3.31 -9.76 9.10
C ASN A 259 -3.35 -9.20 7.69
N ILE A 260 -2.30 -8.46 7.31
CA ILE A 260 -2.26 -7.83 6.00
C ILE A 260 -2.30 -8.85 4.87
N LYS A 261 -1.95 -10.12 5.15
CA LYS A 261 -2.06 -11.17 4.12
C LYS A 261 -3.45 -11.24 3.50
N ARG A 262 -4.49 -10.82 4.23
CA ARG A 262 -5.85 -10.84 3.71
C ARG A 262 -6.09 -9.85 2.58
N ALA A 263 -5.26 -8.81 2.49
CA ALA A 263 -5.41 -7.78 1.46
C ALA A 263 -4.44 -7.94 0.30
N ALA A 264 -3.53 -8.91 0.37
CA ALA A 264 -2.44 -9.00 -0.59
C ALA A 264 -2.90 -9.60 -1.91
N ARG A 265 -2.13 -9.32 -2.97
CA ARG A 265 -2.06 -10.24 -4.10
C ARG A 265 -1.82 -11.63 -3.58
N SER A 266 -2.71 -12.56 -3.93
CA SER A 266 -2.66 -13.80 -3.17
C SER A 266 -3.41 -14.87 -3.94
N GLU A 267 -2.98 -16.12 -3.73
CA GLU A 267 -3.79 -17.26 -4.11
C GLU A 267 -4.61 -17.78 -2.94
N SER A 268 -4.36 -17.26 -1.73
CA SER A 268 -4.97 -17.76 -0.49
C SER A 268 -6.22 -16.99 -0.06
N TYR A 269 -6.38 -15.75 -0.52
CA TYR A 269 -7.53 -14.94 -0.13
C TYR A 269 -8.03 -14.18 -1.34
N TYR A 270 -9.35 -14.05 -1.46
CA TYR A 270 -9.98 -13.21 -2.46
C TYR A 270 -10.85 -12.21 -1.71
N ASN A 271 -10.56 -10.91 -1.87
CA ASN A 271 -11.27 -9.85 -1.11
C ASN A 271 -11.39 -10.21 0.36
N GLY A 272 -10.29 -10.75 0.93
CA GLY A 272 -10.25 -11.13 2.31
C GLY A 272 -10.92 -12.45 2.67
N ILE A 273 -11.49 -13.16 1.70
CA ILE A 273 -12.15 -14.44 1.94
C ILE A 273 -11.17 -15.56 1.61
N SER A 274 -11.05 -16.53 2.52
CA SER A 274 -10.18 -17.67 2.24
C SER A 274 -10.64 -18.39 0.98
N THR A 275 -9.67 -18.74 0.12
CA THR A 275 -9.95 -19.51 -1.08
C THR A 275 -9.75 -21.00 -0.87
N ASN A 276 -9.46 -21.42 0.36
CA ASN A 276 -9.20 -22.82 0.70
C ASN A 276 -10.43 -23.36 1.42
N LEU A 277 -11.42 -23.71 0.64
CA LEU A 277 -12.73 -24.06 1.14
C LEU A 277 -13.03 -25.55 0.87
#